data_8AK6
#
_entry.id   8AK6
#
_cell.length_a   90.995
_cell.length_b   90.995
_cell.length_c   144.163
_cell.angle_alpha   90.000
_cell.angle_beta   90.000
_cell.angle_gamma   120.000
#
_symmetry.space_group_name_H-M   'P 63'
#
loop_
_entity.id
_entity.type
_entity.pdbx_description
1 polymer 'NAD-dependent protein deacetylase sirtuin-6'
2 non-polymer '[(2R,3S,4R,5R)-5-(6-AMINOPURIN-9-YL)-3,4-DIHYDROXY-OXOLAN-2-YL]METHYL [HYDROXY-[[(2R,3S,4R,5S)-3,4,5-TRIHYDROXYOXOLAN-2-YL]METHOXY]PHOSPHORYL] HYDROGEN PHOSPHATE'
3 non-polymer 'ZINC ION'
4 non-polymer Sulfamethoxazole
5 non-polymer DI(HYDROXYETHYL)ETHER
6 non-polymer 1,2-ETHANEDIOL
7 non-polymer 'SULFATE ION'
8 water water
#
_entity_poly.entity_id   1
_entity_poly.type   'polypeptide(L)'
_entity_poly.pdbx_seq_one_letter_code
;GIDPFTADKGKCGLPEIFDPPEELERKVWELARLVWQSSSVVFHTGAGISTASGIPDFRGPHGVWTMEERGLAPKFDTTF
ESARPTQTHMALVQLERVGLLRFLVSQNVDGLHVRSGFPRDKLAELHGNMFVEECAKCKTQYVRDTVVGTMGLKATGRLC
TVAKARGLRACRGELRDTILDWEDSLPDRDLALADEASRNADLSITLGTSLQIRPSGNLPLATKRRGGRLVIVNLQPTKH
DRHADLRIHGYVDEVMTRLMKHLGLEIPAWDGPRVLERALPPLPRPPTPKLEPKEESPTRIN
;
_entity_poly.pdbx_strand_id   A,B
#
# COMPACT_ATOMS: atom_id res chain seq x y z
N PRO A 4 2.69 -0.59 27.74
CA PRO A 4 2.98 -0.13 29.10
C PRO A 4 2.42 1.29 29.33
N PHE A 5 2.74 1.86 30.50
CA PHE A 5 2.15 3.13 31.00
C PHE A 5 3.24 4.19 31.12
N THR A 6 4.24 3.91 31.95
CA THR A 6 5.29 4.88 32.38
C THR A 6 5.95 5.52 31.15
N ALA A 7 6.12 4.74 30.07
CA ALA A 7 6.79 5.16 28.82
C ALA A 7 6.29 6.54 28.39
N ASP A 8 7.20 7.53 28.25
CA ASP A 8 6.93 8.83 27.59
C ASP A 8 6.89 8.58 26.08
N LYS A 9 5.71 8.72 25.47
CA LYS A 9 5.48 8.36 24.05
C LYS A 9 5.55 9.64 23.20
N GLY A 10 6.11 10.72 23.77
CA GLY A 10 6.41 11.98 23.08
C GLY A 10 5.15 12.67 22.61
N LYS A 11 5.29 13.63 21.71
CA LYS A 11 4.21 14.44 21.13
C LYS A 11 3.52 13.63 20.04
N CYS A 12 2.21 13.46 20.17
CA CYS A 12 1.41 12.53 19.34
C CYS A 12 0.30 13.35 18.69
N GLY A 13 0.11 13.25 17.37
CA GLY A 13 -1.08 13.78 16.66
C GLY A 13 -0.96 15.25 16.27
N LEU A 14 0.25 15.80 16.26
CA LEU A 14 0.50 17.16 15.73
C LEU A 14 -0.12 17.28 14.35
N PRO A 15 -0.47 18.51 13.92
CA PRO A 15 -1.11 18.71 12.61
C PRO A 15 -0.20 18.33 11.43
N GLU A 16 -0.78 17.96 10.29
CA GLU A 16 0.02 17.74 9.06
C GLU A 16 0.31 19.08 8.37
N ILE A 17 1.44 19.13 7.66
CA ILE A 17 1.82 20.23 6.73
C ILE A 17 1.81 19.64 5.32
N PHE A 18 1.20 20.34 4.39
CA PHE A 18 1.17 19.99 2.95
C PHE A 18 1.85 21.12 2.18
N ASP A 19 3.10 20.91 1.77
CA ASP A 19 3.81 21.87 0.89
C ASP A 19 2.94 22.00 -0.35
N PRO A 20 2.52 23.22 -0.78
CA PRO A 20 1.73 23.33 -2.00
C PRO A 20 2.58 22.86 -3.18
N PRO A 21 1.94 22.40 -4.28
CA PRO A 21 2.64 21.73 -5.38
C PRO A 21 3.89 22.40 -5.96
N GLU A 22 3.85 23.72 -6.15
CA GLU A 22 4.93 24.52 -6.79
C GLU A 22 6.17 24.44 -5.88
N GLU A 23 5.96 24.53 -4.58
CA GLU A 23 7.04 24.47 -3.55
C GLU A 23 7.55 23.03 -3.40
N LEU A 24 6.65 22.04 -3.52
CA LEU A 24 6.99 20.60 -3.36
C LEU A 24 7.84 20.17 -4.55
N GLU A 25 7.40 20.51 -5.76
CA GLU A 25 8.15 20.21 -7.01
C GLU A 25 9.54 20.84 -6.94
N ARG A 26 9.67 22.05 -6.36
CA ARG A 26 10.95 22.81 -6.31
C ARG A 26 11.88 22.12 -5.31
N LYS A 27 11.37 21.82 -4.12
CA LYS A 27 12.13 21.16 -3.01
C LYS A 27 12.65 19.78 -3.42
N VAL A 28 11.94 19.03 -4.25
CA VAL A 28 12.32 17.63 -4.63
C VAL A 28 13.44 17.70 -5.66
N TRP A 29 13.40 18.72 -6.52
CA TRP A 29 14.49 19.11 -7.45
C TRP A 29 15.75 19.46 -6.64
N GLU A 30 15.60 20.23 -5.57
CA GLU A 30 16.72 20.60 -4.66
C GLU A 30 17.23 19.33 -3.96
N LEU A 31 16.36 18.38 -3.61
CA LEU A 31 16.79 17.09 -3.00
C LEU A 31 17.58 16.31 -4.05
N ALA A 32 17.09 16.32 -5.31
CA ALA A 32 17.81 15.74 -6.48
C ALA A 32 19.22 16.30 -6.55
N ARG A 33 19.36 17.63 -6.43
CA ARG A 33 20.65 18.35 -6.51
C ARG A 33 21.58 17.85 -5.41
N LEU A 34 21.07 17.66 -4.19
CA LEU A 34 21.90 17.29 -3.01
C LEU A 34 22.35 15.82 -3.17
N VAL A 35 21.49 14.96 -3.71
CA VAL A 35 21.85 13.53 -3.89
C VAL A 35 23.01 13.49 -4.89
N TRP A 36 22.92 14.23 -6.01
CA TRP A 36 24.02 14.37 -7.01
C TRP A 36 25.29 14.93 -6.38
N GLN A 37 25.16 15.91 -5.48
CA GLN A 37 26.33 16.66 -4.96
C GLN A 37 27.07 15.84 -3.91
N SER A 38 26.50 14.70 -3.48
CA SER A 38 26.89 14.01 -2.24
C SER A 38 27.60 12.69 -2.55
N SER A 39 28.68 12.42 -1.80
CA SER A 39 29.53 11.20 -1.90
C SER A 39 28.91 10.07 -1.06
N SER A 40 28.39 10.39 0.11
CA SER A 40 27.90 9.41 1.12
C SER A 40 26.51 9.84 1.61
N VAL A 41 25.47 9.33 0.94
CA VAL A 41 24.05 9.59 1.31
C VAL A 41 23.55 8.47 2.23
N VAL A 42 23.17 8.82 3.47
CA VAL A 42 22.52 7.87 4.42
C VAL A 42 21.05 8.23 4.61
N PHE A 43 20.20 7.22 4.60
CA PHE A 43 18.73 7.35 4.70
C PHE A 43 18.34 6.79 6.04
N HIS A 44 17.48 7.52 6.72
CA HIS A 44 16.91 7.20 8.04
C HIS A 44 15.40 7.09 7.93
N THR A 45 14.80 5.89 8.08
CA THR A 45 13.33 5.68 7.91
C THR A 45 12.63 5.37 9.26
N GLY A 46 11.32 5.67 9.31
CA GLY A 46 10.40 5.42 10.43
C GLY A 46 9.04 5.12 9.79
N ALA A 47 8.04 4.90 10.62
CA ALA A 47 6.79 4.14 10.39
C ALA A 47 5.95 4.83 9.31
N GLY A 48 6.22 6.11 9.06
CA GLY A 48 5.62 6.89 7.96
C GLY A 48 5.91 6.32 6.59
N ILE A 49 6.99 5.55 6.40
CA ILE A 49 7.20 4.94 5.05
C ILE A 49 6.42 3.64 4.88
N SER A 50 5.58 3.20 5.80
CA SER A 50 4.80 1.93 5.62
C SER A 50 3.31 2.23 5.72
N THR A 51 2.97 3.50 5.97
CA THR A 51 1.54 3.85 6.19
C THR A 51 0.79 3.53 4.88
N ALA A 52 1.38 3.81 3.71
CA ALA A 52 0.78 3.54 2.38
C ALA A 52 0.75 2.04 2.06
N SER A 53 1.30 1.20 2.92
CA SER A 53 1.17 -0.29 2.88
C SER A 53 0.11 -0.83 3.84
N GLY A 54 -0.66 0.01 4.54
CA GLY A 54 -1.77 -0.39 5.45
C GLY A 54 -1.31 -0.50 6.90
N ILE A 55 -0.04 -0.22 7.18
CA ILE A 55 0.52 -0.27 8.55
C ILE A 55 0.45 1.12 9.14
N PRO A 56 -0.25 1.33 10.27
CA PRO A 56 -0.35 2.66 10.84
C PRO A 56 1.01 3.03 11.46
N ASP A 57 1.29 4.31 11.57
CA ASP A 57 2.46 4.81 12.34
C ASP A 57 2.09 4.96 13.83
N PHE A 58 2.96 5.64 14.58
CA PHE A 58 2.84 5.84 16.04
C PHE A 58 2.18 7.19 16.33
N ARG A 59 2.72 8.30 15.80
CA ARG A 59 2.39 9.66 16.26
C ARG A 59 1.66 10.46 15.19
N GLY A 60 1.28 9.83 14.08
CA GLY A 60 0.44 10.45 13.03
C GLY A 60 -1.00 10.64 13.51
N PRO A 61 -1.85 11.35 12.72
CA PRO A 61 -3.21 11.62 13.18
C PRO A 61 -3.93 10.35 13.68
N HIS A 62 -3.71 9.21 13.03
CA HIS A 62 -4.31 7.88 13.27
C HIS A 62 -3.26 6.89 13.74
N GLY A 63 -2.15 7.40 14.28
CA GLY A 63 -1.07 6.55 14.84
C GLY A 63 -1.46 5.74 16.07
N VAL A 64 -0.71 4.65 16.34
CA VAL A 64 -0.90 3.73 17.50
C VAL A 64 -1.06 4.59 18.78
N TRP A 65 -0.04 5.34 19.18
CA TRP A 65 -0.09 6.16 20.41
C TRP A 65 -1.21 7.21 20.34
N THR A 66 -1.31 8.00 19.27
CA THR A 66 -2.35 9.05 19.11
C THR A 66 -3.75 8.47 19.40
N MET A 67 -4.05 7.26 18.93
CA MET A 67 -5.44 6.73 19.00
C MET A 67 -5.68 6.16 20.41
N GLU A 68 -4.68 5.51 20.99
CA GLU A 68 -4.57 5.17 22.44
C GLU A 68 -4.95 6.40 23.28
N GLU A 69 -4.31 7.55 23.01
CA GLU A 69 -4.53 8.82 23.76
C GLU A 69 -6.01 9.25 23.69
N ARG A 70 -6.73 8.88 22.63
CA ARG A 70 -8.18 9.23 22.45
C ARG A 70 -9.08 8.02 22.74
N GLY A 71 -8.55 6.98 23.39
CA GLY A 71 -9.31 5.75 23.70
C GLY A 71 -9.66 4.94 22.46
N LEU A 72 -8.95 5.16 21.35
CA LEU A 72 -9.26 4.49 20.05
C LEU A 72 -8.13 3.54 19.70
N ALA A 73 -8.31 2.73 18.67
CA ALA A 73 -7.35 1.67 18.30
C ALA A 73 -6.68 2.10 17.02
N PRO A 74 -5.40 1.73 16.77
CA PRO A 74 -4.79 1.96 15.47
C PRO A 74 -5.54 1.01 14.54
N LYS A 75 -5.62 1.26 13.23
CA LYS A 75 -6.29 0.33 12.29
C LYS A 75 -5.26 -0.10 11.25
N PHE A 76 -5.19 -1.42 11.04
CA PHE A 76 -4.35 -2.10 10.02
C PHE A 76 -5.23 -2.51 8.84
N ASP A 77 -4.74 -2.30 7.63
CA ASP A 77 -5.42 -2.65 6.35
C ASP A 77 -4.70 -3.84 5.74
N THR A 78 -3.69 -4.35 6.45
CA THR A 78 -2.94 -5.56 6.10
C THR A 78 -2.47 -6.30 7.35
N THR A 79 -2.00 -7.51 7.17
CA THR A 79 -1.15 -8.23 8.14
C THR A 79 0.30 -7.83 7.89
N PHE A 80 1.20 -8.06 8.83
CA PHE A 80 2.64 -7.82 8.55
C PHE A 80 3.08 -8.71 7.40
N GLU A 81 2.57 -9.95 7.37
CA GLU A 81 2.94 -10.99 6.38
C GLU A 81 2.47 -10.59 4.99
N SER A 82 1.28 -10.01 4.86
CA SER A 82 0.72 -9.63 3.53
C SER A 82 1.11 -8.22 3.11
N ALA A 83 1.84 -7.49 3.94
CA ALA A 83 2.21 -6.07 3.68
C ALA A 83 3.15 -6.06 2.48
N ARG A 84 2.90 -5.19 1.52
CA ARG A 84 3.82 -4.99 0.38
C ARG A 84 4.70 -3.78 0.65
N PRO A 85 6.02 -3.92 0.44
CA PRO A 85 6.93 -2.79 0.42
C PRO A 85 6.34 -1.68 -0.46
N THR A 86 6.49 -0.43 -0.04
CA THR A 86 6.01 0.75 -0.78
C THR A 86 6.99 1.09 -1.91
N GLN A 87 6.49 1.94 -2.80
CA GLN A 87 7.23 2.73 -3.81
C GLN A 87 8.50 3.32 -3.16
N THR A 88 8.40 3.82 -1.94
CA THR A 88 9.57 4.37 -1.18
C THR A 88 10.55 3.25 -0.90
N HIS A 89 10.07 2.10 -0.43
CA HIS A 89 10.89 0.92 -0.04
C HIS A 89 11.73 0.46 -1.22
N MET A 90 11.06 0.34 -2.37
CA MET A 90 11.62 -0.07 -3.66
C MET A 90 12.49 1.04 -4.26
N ALA A 91 12.18 2.34 -4.06
CA ALA A 91 13.10 3.42 -4.47
C ALA A 91 14.43 3.20 -3.75
N LEU A 92 14.37 2.93 -2.45
CA LEU A 92 15.58 2.83 -1.59
C LEU A 92 16.44 1.62 -2.02
N VAL A 93 15.83 0.55 -2.54
CA VAL A 93 16.52 -0.68 -3.04
C VAL A 93 17.37 -0.28 -4.24
N GLN A 94 16.75 0.36 -5.24
CA GLN A 94 17.43 0.86 -6.46
C GLN A 94 18.51 1.88 -6.11
N LEU A 95 18.27 2.77 -5.15
CA LEU A 95 19.24 3.85 -4.85
C LEU A 95 20.47 3.13 -4.28
N GLU A 96 20.26 2.11 -3.48
CA GLU A 96 21.43 1.30 -2.98
C GLU A 96 22.06 0.52 -4.16
N ARG A 97 21.27 -0.04 -5.08
CA ARG A 97 21.82 -0.94 -6.13
C ARG A 97 22.72 -0.14 -7.07
N VAL A 98 22.46 1.16 -7.24
CA VAL A 98 23.13 2.00 -8.26
C VAL A 98 24.19 2.85 -7.55
N GLY A 99 24.46 2.62 -6.26
CA GLY A 99 25.59 3.22 -5.52
C GLY A 99 25.28 4.64 -5.02
N LEU A 100 24.01 5.04 -5.02
CA LEU A 100 23.53 6.36 -4.52
C LEU A 100 23.08 6.33 -3.05
N LEU A 101 23.12 5.19 -2.37
CA LEU A 101 22.74 5.08 -0.94
C LEU A 101 23.86 4.32 -0.24
N ARG A 102 24.53 4.93 0.74
CA ARG A 102 25.68 4.27 1.44
C ARG A 102 25.11 3.34 2.53
N PHE A 103 24.10 3.81 3.26
CA PHE A 103 23.55 3.09 4.44
C PHE A 103 22.10 3.48 4.72
N LEU A 104 21.33 2.52 5.19
CA LEU A 104 19.91 2.72 5.54
C LEU A 104 19.76 2.41 7.02
N VAL A 105 19.39 3.41 7.80
CA VAL A 105 19.10 3.29 9.24
C VAL A 105 17.59 3.33 9.46
N SER A 106 16.99 2.24 9.95
CA SER A 106 15.52 2.19 10.16
C SER A 106 15.18 1.89 11.62
N GLN A 107 14.13 2.53 12.10
CA GLN A 107 13.49 2.30 13.41
C GLN A 107 12.39 1.27 13.21
N ASN A 108 12.06 0.91 11.95
CA ASN A 108 10.84 0.09 11.69
C ASN A 108 11.13 -1.36 12.04
N VAL A 109 10.14 -1.98 12.68
CA VAL A 109 10.13 -3.43 13.06
C VAL A 109 9.26 -4.18 12.05
N ASP A 110 8.64 -3.46 11.11
CA ASP A 110 7.63 -4.04 10.18
C ASP A 110 8.25 -5.11 9.25
N GLY A 111 9.58 -5.21 9.22
CA GLY A 111 10.31 -6.17 8.38
C GLY A 111 10.36 -5.84 6.90
N LEU A 112 9.98 -4.64 6.43
CA LEU A 112 9.64 -4.49 4.99
C LEU A 112 10.88 -4.10 4.21
N HIS A 113 11.84 -3.41 4.86
CA HIS A 113 13.18 -3.23 4.27
C HIS A 113 13.72 -4.60 3.83
N VAL A 114 13.85 -5.55 4.74
CA VAL A 114 14.47 -6.90 4.48
C VAL A 114 13.66 -7.60 3.38
N ARG A 115 12.33 -7.63 3.50
CA ARG A 115 11.48 -8.35 2.51
C ARG A 115 11.56 -7.68 1.14
N SER A 116 11.87 -6.38 1.06
CA SER A 116 12.01 -5.60 -0.19
C SER A 116 13.19 -6.11 -1.04
N GLY A 117 14.19 -6.76 -0.44
CA GLY A 117 15.42 -7.24 -1.11
C GLY A 117 16.58 -6.35 -0.72
N PHE A 118 16.41 -5.49 0.29
CA PHE A 118 17.44 -4.48 0.64
C PHE A 118 18.57 -5.22 1.35
N PRO A 119 19.84 -5.01 0.98
CA PRO A 119 20.92 -5.79 1.56
C PRO A 119 21.08 -5.52 3.06
N ARG A 120 20.98 -6.60 3.85
CA ARG A 120 21.05 -6.55 5.34
C ARG A 120 22.36 -5.91 5.79
N ASP A 121 23.47 -6.08 5.05
CA ASP A 121 24.81 -5.54 5.45
C ASP A 121 24.89 -4.03 5.17
N LYS A 122 23.84 -3.40 4.63
CA LYS A 122 23.71 -1.91 4.56
C LYS A 122 22.50 -1.40 5.39
N LEU A 123 21.89 -2.25 6.20
CA LEU A 123 20.71 -1.91 7.01
C LEU A 123 21.01 -2.05 8.50
N ALA A 124 20.73 -1.00 9.25
CA ALA A 124 20.63 -1.02 10.72
C ALA A 124 19.13 -0.94 11.07
N GLU A 125 18.59 -1.98 11.71
CA GLU A 125 17.20 -2.07 12.22
C GLU A 125 17.24 -1.82 13.74
N LEU A 126 17.14 -0.56 14.14
CA LEU A 126 17.54 -0.09 15.48
C LEU A 126 16.60 -0.67 16.53
N HIS A 127 15.34 -0.88 16.16
CA HIS A 127 14.29 -1.39 17.06
C HIS A 127 14.02 -2.87 16.79
N GLY A 128 14.83 -3.51 15.94
CA GLY A 128 14.72 -4.94 15.61
C GLY A 128 13.65 -5.14 14.55
N ASN A 129 13.30 -6.39 14.29
CA ASN A 129 12.56 -6.87 13.08
C ASN A 129 11.61 -7.97 13.52
N MET A 130 10.30 -7.80 13.29
CA MET A 130 9.25 -8.73 13.79
C MET A 130 9.44 -10.13 13.20
N PHE A 131 10.02 -10.25 11.99
CA PHE A 131 10.27 -11.55 11.30
C PHE A 131 11.59 -12.17 11.78
N VAL A 132 12.34 -11.50 12.64
CA VAL A 132 13.73 -12.00 12.92
C VAL A 132 13.80 -12.56 14.35
N GLU A 133 14.32 -13.79 14.50
CA GLU A 133 14.72 -14.31 15.83
C GLU A 133 16.23 -14.52 15.85
N GLU A 134 16.82 -14.39 17.04
CA GLU A 134 18.29 -14.40 17.27
C GLU A 134 18.61 -15.50 18.30
N CYS A 135 19.61 -16.34 18.00
CA CYS A 135 20.12 -17.36 18.97
C CYS A 135 20.83 -16.60 20.09
N ALA A 136 20.37 -16.76 21.33
CA ALA A 136 21.01 -16.17 22.53
C ALA A 136 22.46 -16.67 22.61
N LYS A 137 22.69 -17.95 22.36
CA LYS A 137 24.03 -18.59 22.47
C LYS A 137 24.97 -17.98 21.42
N CYS A 138 24.70 -18.21 20.12
CA CYS A 138 25.68 -17.96 19.03
C CYS A 138 25.33 -16.73 18.20
N LYS A 139 24.25 -16.01 18.54
CA LYS A 139 23.85 -14.71 17.93
C LYS A 139 23.43 -14.92 16.47
N THR A 140 23.11 -16.17 16.09
CA THR A 140 22.69 -16.47 14.69
C THR A 140 21.26 -15.97 14.52
N GLN A 141 21.04 -15.10 13.54
CA GLN A 141 19.72 -14.53 13.21
C GLN A 141 19.07 -15.36 12.13
N TYR A 142 17.77 -15.62 12.27
CA TYR A 142 16.94 -16.27 11.23
C TYR A 142 15.89 -15.26 10.81
N VAL A 143 15.75 -15.03 9.51
CA VAL A 143 14.64 -14.20 8.95
C VAL A 143 13.53 -15.17 8.54
N ARG A 144 12.37 -15.06 9.19
CA ARG A 144 11.24 -16.02 9.02
C ARG A 144 10.23 -15.46 8.02
N ASP A 145 9.36 -16.32 7.47
CA ASP A 145 8.31 -15.90 6.49
C ASP A 145 7.09 -15.36 7.22
N THR A 146 7.00 -15.64 8.52
CA THR A 146 5.90 -15.15 9.39
C THR A 146 6.53 -14.39 10.56
N VAL A 147 5.72 -13.60 11.26
CA VAL A 147 6.22 -12.77 12.39
C VAL A 147 6.55 -13.76 13.50
N VAL A 148 7.65 -13.49 14.20
CA VAL A 148 8.04 -14.28 15.39
C VAL A 148 7.00 -13.93 16.48
N GLY A 149 6.51 -14.94 17.21
CA GLY A 149 5.30 -14.85 18.05
C GLY A 149 5.37 -13.81 19.16
N THR A 150 6.57 -13.53 19.67
CA THR A 150 6.81 -12.73 20.91
C THR A 150 7.35 -11.33 20.56
N MET A 151 7.41 -10.45 21.57
CA MET A 151 8.14 -9.16 21.54
C MET A 151 8.89 -9.04 22.87
N GLY A 152 9.84 -8.10 22.98
CA GLY A 152 10.55 -7.79 24.24
C GLY A 152 11.71 -8.74 24.54
N LEU A 153 12.36 -9.29 23.50
CA LEU A 153 13.57 -10.16 23.56
C LEU A 153 13.31 -11.45 24.35
N LYS A 154 12.11 -12.03 24.19
CA LYS A 154 11.64 -13.28 24.86
C LYS A 154 11.94 -14.52 24.00
N ALA A 155 11.89 -15.69 24.62
CA ALA A 155 12.00 -17.01 23.97
C ALA A 155 10.77 -17.21 23.07
N THR A 156 11.02 -17.61 21.82
CA THR A 156 10.00 -17.77 20.76
C THR A 156 9.41 -19.18 20.84
N GLY A 157 10.19 -20.11 21.40
CA GLY A 157 9.81 -21.53 21.54
C GLY A 157 10.49 -22.40 20.49
N ARG A 158 11.31 -21.80 19.62
CA ARG A 158 12.17 -22.52 18.64
C ARG A 158 13.62 -22.52 19.15
N LEU A 159 14.42 -23.49 18.67
CA LEU A 159 15.85 -23.70 19.05
C LEU A 159 16.75 -23.52 17.83
N CYS A 160 18.02 -23.18 18.08
CA CYS A 160 19.06 -22.94 17.04
C CYS A 160 19.35 -24.26 16.32
N THR A 161 19.78 -24.18 15.06
CA THR A 161 20.00 -25.32 14.14
C THR A 161 21.34 -25.16 13.41
N VAL A 162 22.30 -24.40 13.96
CA VAL A 162 23.64 -24.23 13.36
C VAL A 162 24.43 -25.54 13.53
N ALA A 163 25.21 -25.91 12.51
CA ALA A 163 25.90 -27.22 12.36
C ALA A 163 26.61 -27.62 13.67
N CYS A 171 23.81 -26.51 17.83
CA CYS A 171 23.93 -25.49 18.92
C CYS A 171 22.74 -25.61 19.89
N ARG A 172 21.54 -25.86 19.37
CA ARG A 172 20.28 -26.07 20.15
C ARG A 172 20.08 -24.88 21.10
N GLY A 173 20.53 -23.69 20.68
CA GLY A 173 20.39 -22.43 21.43
C GLY A 173 18.94 -21.99 21.54
N GLU A 174 18.62 -21.24 22.60
CA GLU A 174 17.29 -20.60 22.76
C GLU A 174 17.20 -19.48 21.72
N LEU A 175 16.16 -19.53 20.88
CA LEU A 175 15.83 -18.45 19.90
C LEU A 175 14.89 -17.43 20.56
N ARG A 176 15.19 -16.14 20.39
CA ARG A 176 14.41 -15.01 20.95
C ARG A 176 14.09 -14.01 19.84
N ASP A 177 12.92 -13.36 19.93
CA ASP A 177 12.54 -12.22 19.06
C ASP A 177 13.59 -11.11 19.23
N THR A 178 13.63 -10.15 18.32
CA THR A 178 14.61 -9.03 18.31
C THR A 178 13.89 -7.72 18.61
N ILE A 179 12.60 -7.77 18.97
CA ILE A 179 11.79 -6.53 19.20
C ILE A 179 12.07 -5.98 20.60
N LEU A 180 12.73 -4.81 20.64
CA LEU A 180 13.09 -4.04 21.87
C LEU A 180 11.84 -3.66 22.64
N ASP A 181 11.86 -3.86 23.96
CA ASP A 181 10.90 -3.20 24.88
C ASP A 181 11.42 -1.79 25.17
N TRP A 182 10.62 -0.94 25.83
CA TRP A 182 10.99 0.46 26.16
C TRP A 182 12.34 0.50 26.91
N GLU A 183 12.53 -0.36 27.91
CA GLU A 183 13.74 -0.35 28.79
C GLU A 183 14.97 -0.85 28.02
N ASP A 184 14.76 -1.71 27.01
CA ASP A 184 15.84 -2.41 26.27
C ASP A 184 16.65 -1.40 25.48
N SER A 185 17.99 -1.53 25.49
CA SER A 185 18.92 -0.70 24.69
C SER A 185 19.15 -1.36 23.33
N LEU A 186 19.57 -0.54 22.35
CA LEU A 186 19.68 -0.91 20.91
C LEU A 186 20.78 -1.95 20.71
N PRO A 187 20.68 -2.79 19.65
CA PRO A 187 21.79 -3.65 19.26
C PRO A 187 23.00 -2.76 18.91
N ASP A 188 24.17 -3.11 19.45
CA ASP A 188 25.41 -2.31 19.39
C ASP A 188 25.98 -2.36 17.97
N ARG A 189 25.93 -3.53 17.34
CA ARG A 189 26.41 -3.75 15.95
C ARG A 189 25.66 -2.78 15.02
N ASP A 190 24.33 -2.82 15.06
CA ASP A 190 23.45 -1.99 14.20
C ASP A 190 23.65 -0.51 14.56
N LEU A 191 23.73 -0.17 15.84
CA LEU A 191 23.85 1.25 16.32
C LEU A 191 25.23 1.81 15.97
N ALA A 192 26.30 1.02 16.10
CA ALA A 192 27.68 1.48 15.83
C ALA A 192 27.84 1.74 14.33
N LEU A 193 27.27 0.89 13.48
CA LEU A 193 27.33 1.04 12.00
C LEU A 193 26.41 2.19 11.58
N ALA A 194 25.21 2.29 12.19
CA ALA A 194 24.29 3.43 12.01
C ALA A 194 25.03 4.73 12.33
N ASP A 195 25.59 4.81 13.53
CA ASP A 195 26.38 5.97 14.06
C ASP A 195 27.49 6.31 13.05
N GLU A 196 28.23 5.29 12.60
CA GLU A 196 29.43 5.41 11.72
C GLU A 196 29.00 6.03 10.39
N ALA A 197 28.02 5.41 9.73
CA ALA A 197 27.42 5.90 8.47
C ALA A 197 26.96 7.35 8.64
N SER A 198 26.27 7.64 9.75
CA SER A 198 25.65 8.95 10.08
C SER A 198 26.73 10.04 10.24
N ARG A 199 27.82 9.75 10.95
CA ARG A 199 28.94 10.72 11.14
C ARG A 199 29.63 10.95 9.80
N ASN A 200 29.93 9.87 9.08
CA ASN A 200 30.68 9.89 7.80
C ASN A 200 29.83 10.54 6.69
N ALA A 201 28.50 10.42 6.74
CA ALA A 201 27.60 10.91 5.66
C ALA A 201 27.91 12.37 5.36
N ASP A 202 27.59 12.84 4.14
CA ASP A 202 27.59 14.27 3.77
C ASP A 202 26.14 14.64 3.41
N LEU A 203 25.26 13.64 3.31
CA LEU A 203 23.78 13.83 3.23
C LEU A 203 23.05 12.73 4.03
N SER A 204 22.28 13.13 5.03
CA SER A 204 21.32 12.27 5.76
C SER A 204 19.93 12.73 5.36
N ILE A 205 19.10 11.82 4.86
CA ILE A 205 17.69 12.07 4.43
C ILE A 205 16.80 11.28 5.38
N THR A 206 15.92 11.94 6.11
CA THR A 206 14.93 11.25 6.96
C THR A 206 13.59 11.16 6.21
N LEU A 207 12.91 10.03 6.36
CA LEU A 207 11.70 9.62 5.58
C LEU A 207 10.65 9.10 6.55
N GLY A 208 9.53 9.82 6.71
CA GLY A 208 8.42 9.35 7.58
C GLY A 208 8.89 8.90 8.96
N THR A 209 9.91 9.53 9.54
CA THR A 209 10.15 9.49 11.03
C THR A 209 9.89 10.88 11.65
N SER A 210 9.46 10.95 12.93
CA SER A 210 9.31 12.24 13.67
C SER A 210 10.58 12.58 14.48
N LEU A 211 11.53 11.65 14.58
CA LEU A 211 12.89 11.88 15.17
C LEU A 211 12.81 12.22 16.68
N GLN A 212 11.87 11.59 17.40
CA GLN A 212 11.58 11.89 18.83
C GLN A 212 12.23 10.87 19.78
N ILE A 213 12.82 9.78 19.25
CA ILE A 213 13.35 8.63 20.03
C ILE A 213 14.87 8.68 19.99
N ARG A 214 15.48 8.79 21.18
CA ARG A 214 16.94 8.73 21.44
C ARG A 214 17.35 7.26 21.46
N PRO A 215 18.48 6.84 20.84
CA PRO A 215 19.33 7.70 20.01
C PRO A 215 19.03 7.75 18.51
N SER A 216 18.15 6.88 18.01
CA SER A 216 17.71 6.78 16.59
C SER A 216 17.48 8.18 15.97
N GLY A 217 16.68 9.01 16.64
CA GLY A 217 16.21 10.31 16.12
C GLY A 217 17.31 11.34 16.08
N ASN A 218 18.39 11.12 16.82
CA ASN A 218 19.54 12.06 16.87
C ASN A 218 20.59 11.76 15.79
N LEU A 219 20.57 10.57 15.18
CA LEU A 219 21.63 10.10 14.24
C LEU A 219 21.72 11.03 13.04
N PRO A 220 20.60 11.43 12.40
CA PRO A 220 20.66 12.39 11.31
C PRO A 220 21.47 13.66 11.65
N LEU A 221 21.50 14.09 12.93
CA LEU A 221 22.17 15.35 13.37
C LEU A 221 23.70 15.22 13.37
N ALA A 222 24.23 14.02 13.55
CA ALA A 222 25.69 13.74 13.49
C ALA A 222 26.22 14.07 12.08
N THR A 223 25.39 13.94 11.06
CA THR A 223 25.75 14.31 9.67
C THR A 223 26.01 15.82 9.60
N LYS A 224 25.31 16.62 10.42
CA LYS A 224 25.43 18.10 10.46
C LYS A 224 26.84 18.51 10.92
N ARG A 225 27.35 17.93 11.99
CA ARG A 225 28.76 18.09 12.43
C ARG A 225 29.68 17.56 11.31
N ARG A 226 30.72 18.31 10.95
CA ARG A 226 31.66 18.07 9.81
C ARG A 226 31.04 18.56 8.50
N GLY A 227 29.88 19.21 8.57
CA GLY A 227 29.36 20.09 7.50
C GLY A 227 28.43 19.38 6.54
N GLY A 228 27.90 18.21 6.90
CA GLY A 228 26.96 17.43 6.07
C GLY A 228 25.60 18.09 6.05
N ARG A 229 24.80 17.85 5.01
CA ARG A 229 23.44 18.40 4.85
C ARG A 229 22.42 17.43 5.45
N LEU A 230 21.29 17.96 5.93
CA LEU A 230 20.17 17.18 6.51
C LEU A 230 18.91 17.50 5.70
N VAL A 231 18.25 16.49 5.16
CA VAL A 231 16.89 16.61 4.55
C VAL A 231 15.91 15.77 5.38
N ILE A 232 14.83 16.41 5.82
CA ILE A 232 13.77 15.74 6.61
C ILE A 232 12.55 15.70 5.70
N VAL A 233 12.08 14.52 5.31
CA VAL A 233 10.77 14.40 4.60
C VAL A 233 9.74 13.84 5.57
N ASN A 234 8.62 14.56 5.75
CA ASN A 234 7.65 14.21 6.82
C ASN A 234 6.44 15.12 6.74
N LEU A 235 5.27 14.51 6.94
CA LEU A 235 4.00 15.27 6.91
C LEU A 235 3.87 16.18 8.15
N GLN A 236 4.34 15.70 9.30
CA GLN A 236 4.26 16.41 10.60
C GLN A 236 5.62 17.05 10.89
N PRO A 237 5.67 18.08 11.74
CA PRO A 237 6.92 18.56 12.32
C PRO A 237 7.72 17.41 12.94
N THR A 238 9.02 17.60 13.12
CA THR A 238 9.93 16.60 13.77
C THR A 238 10.79 17.33 14.79
N LYS A 239 11.27 16.62 15.81
CA LYS A 239 12.08 17.25 16.89
C LYS A 239 13.12 18.20 16.28
N HIS A 240 13.73 17.86 15.13
CA HIS A 240 14.95 18.54 14.61
C HIS A 240 14.67 19.31 13.33
N ASP A 241 13.42 19.72 13.07
CA ASP A 241 13.07 20.54 11.88
C ASP A 241 14.08 21.70 11.73
N ARG A 242 14.55 22.23 12.85
CA ARG A 242 15.45 23.42 12.94
C ARG A 242 16.83 23.14 12.34
N HIS A 243 17.37 21.93 12.48
CA HIS A 243 18.77 21.61 12.07
C HIS A 243 18.82 21.12 10.63
N ALA A 244 17.68 21.21 9.92
CA ALA A 244 17.49 20.70 8.55
C ALA A 244 17.85 21.78 7.53
N ASP A 245 18.57 21.42 6.46
CA ASP A 245 18.84 22.36 5.34
C ASP A 245 17.67 22.28 4.36
N LEU A 246 16.83 21.26 4.48
CA LEU A 246 15.63 21.11 3.61
C LEU A 246 14.56 20.31 4.34
N ARG A 247 13.32 20.82 4.37
CA ARG A 247 12.18 20.08 4.92
C ARG A 247 11.15 19.91 3.81
N ILE A 248 10.66 18.71 3.62
CA ILE A 248 9.63 18.46 2.58
C ILE A 248 8.39 17.86 3.25
N HIS A 249 7.31 18.62 3.23
CA HIS A 249 6.02 18.20 3.80
C HIS A 249 5.19 17.64 2.65
N GLY A 250 5.20 16.33 2.52
CA GLY A 250 4.66 15.56 1.38
C GLY A 250 4.58 14.11 1.75
N TYR A 251 3.67 13.37 1.09
CA TYR A 251 3.65 11.90 1.10
C TYR A 251 4.98 11.42 0.55
N VAL A 252 5.61 10.48 1.25
CA VAL A 252 7.04 10.22 1.00
C VAL A 252 7.12 9.48 -0.34
N ASP A 253 6.06 8.77 -0.73
CA ASP A 253 6.01 8.03 -2.02
C ASP A 253 5.99 9.01 -3.19
N GLU A 254 5.28 10.13 -3.08
CA GLU A 254 5.24 11.16 -4.15
C GLU A 254 6.62 11.80 -4.29
N VAL A 255 7.22 12.17 -3.17
CA VAL A 255 8.61 12.74 -3.09
C VAL A 255 9.60 11.76 -3.74
N MET A 256 9.60 10.50 -3.33
CA MET A 256 10.63 9.53 -3.82
C MET A 256 10.38 9.24 -5.28
N THR A 257 9.13 9.14 -5.72
CA THR A 257 8.83 8.80 -7.13
C THR A 257 9.28 9.96 -8.01
N ARG A 258 9.09 11.20 -7.55
CA ARG A 258 9.57 12.41 -8.25
C ARG A 258 11.09 12.42 -8.17
N LEU A 259 11.67 12.11 -7.02
CA LEU A 259 13.15 12.14 -6.88
C LEU A 259 13.75 11.16 -7.88
N MET A 260 13.33 9.89 -7.83
CA MET A 260 13.77 8.83 -8.74
C MET A 260 13.62 9.31 -10.18
N LYS A 261 12.48 9.89 -10.54
CA LYS A 261 12.21 10.43 -11.90
C LYS A 261 13.29 11.45 -12.26
N HIS A 262 13.71 12.30 -11.31
CA HIS A 262 14.73 13.37 -11.54
C HIS A 262 16.11 12.74 -11.69
N LEU A 263 16.35 11.64 -10.97
CA LEU A 263 17.67 10.96 -10.92
C LEU A 263 17.81 10.06 -12.16
N GLY A 264 16.71 9.83 -12.90
CA GLY A 264 16.70 8.95 -14.07
C GLY A 264 16.61 7.48 -13.70
N LEU A 265 16.12 7.15 -12.50
CA LEU A 265 16.11 5.77 -11.98
C LEU A 265 14.69 5.24 -12.01
N GLU A 266 14.56 3.98 -12.38
CA GLU A 266 13.26 3.26 -12.37
C GLU A 266 13.09 2.72 -10.96
N ILE A 267 11.86 2.62 -10.50
CA ILE A 267 11.56 1.98 -9.18
C ILE A 267 11.26 0.52 -9.50
N PRO A 268 12.13 -0.41 -9.06
CA PRO A 268 12.00 -1.81 -9.42
C PRO A 268 10.79 -2.58 -8.87
N ALA A 269 10.41 -3.64 -9.58
CA ALA A 269 9.28 -4.54 -9.24
C ALA A 269 9.66 -5.33 -7.99
N TRP A 270 8.67 -5.60 -7.14
CA TRP A 270 8.83 -6.48 -5.96
C TRP A 270 8.43 -7.91 -6.30
N ASP A 271 9.41 -8.81 -6.27
CA ASP A 271 9.26 -10.23 -6.67
C ASP A 271 8.44 -10.95 -5.59
N GLY A 272 8.16 -10.31 -4.45
CA GLY A 272 7.62 -11.01 -3.29
C GLY A 272 8.75 -11.14 -2.25
N PRO A 273 8.48 -11.66 -1.06
CA PRO A 273 9.47 -11.59 0.02
C PRO A 273 10.79 -12.26 -0.39
N ARG A 274 11.88 -11.54 -0.27
CA ARG A 274 13.23 -12.11 -0.50
C ARG A 274 14.17 -11.47 0.48
N VAL A 275 15.16 -12.22 0.92
CA VAL A 275 16.20 -11.76 1.88
C VAL A 275 17.50 -11.74 1.09
N LEU A 276 18.17 -10.59 1.00
CA LEU A 276 19.54 -10.46 0.50
C LEU A 276 20.47 -10.15 1.66
N GLU A 277 21.43 -11.02 2.02
CA GLU A 277 22.35 -10.75 3.16
C GLU A 277 23.37 -9.67 2.82
N ARG A 278 24.02 -9.75 1.67
CA ARG A 278 25.15 -8.84 1.34
C ARG A 278 24.91 -8.10 0.03
N ALA A 279 25.20 -6.80 0.04
CA ALA A 279 25.07 -5.89 -1.11
C ALA A 279 25.98 -6.38 -2.24
N LEU A 280 25.44 -6.37 -3.46
CA LEU A 280 26.21 -6.68 -4.69
C LEU A 280 26.87 -5.39 -5.17
N PRO A 281 27.94 -5.46 -6.00
CA PRO A 281 28.63 -4.24 -6.44
C PRO A 281 27.67 -3.39 -7.27
N PRO A 282 27.81 -2.05 -7.24
CA PRO A 282 26.86 -1.14 -7.90
C PRO A 282 26.52 -1.39 -9.37
N LEU A 283 25.23 -1.26 -9.72
CA LEU A 283 24.80 -1.34 -11.14
C LEU A 283 25.13 -0.03 -11.82
N PRO A 284 25.17 0.03 -13.16
CA PRO A 284 25.38 1.31 -13.83
C PRO A 284 24.43 2.35 -13.21
N ARG A 285 24.69 3.65 -13.38
CA ARG A 285 23.71 4.72 -13.11
C ARG A 285 23.87 5.83 -14.13
N PRO A 286 22.82 6.65 -14.37
CA PRO A 286 22.93 7.73 -15.34
C PRO A 286 24.03 8.71 -15.00
N PRO A 287 24.64 9.39 -16.01
CA PRO A 287 25.59 10.45 -15.74
C PRO A 287 24.95 11.66 -15.06
N THR A 288 25.76 12.40 -14.31
CA THR A 288 25.33 13.51 -13.43
C THR A 288 25.06 14.77 -14.25
N PRO A 289 23.99 15.53 -13.96
CA PRO A 289 23.79 16.83 -14.56
C PRO A 289 24.87 17.80 -14.06
N LYS A 290 25.17 18.82 -14.88
CA LYS A 290 25.95 20.02 -14.49
C LYS A 290 25.13 20.82 -13.50
N LEU A 291 25.63 20.99 -12.28
CA LEU A 291 24.90 21.68 -11.18
C LEU A 291 25.35 23.14 -11.09
N GLU A 292 26.64 23.37 -10.81
CA GLU A 292 27.20 24.70 -10.46
C GLU A 292 27.43 25.50 -11.74
N LYS B 9 -26.41 7.09 5.03
CA LYS B 9 -25.04 6.53 4.81
C LYS B 9 -24.92 5.11 5.37
N GLY B 10 -26.06 4.43 5.61
CA GLY B 10 -26.15 3.01 6.02
C GLY B 10 -25.45 2.73 7.34
N LYS B 11 -25.26 1.45 7.66
CA LYS B 11 -24.56 0.96 8.88
C LYS B 11 -23.05 1.17 8.74
N CYS B 12 -22.46 1.96 9.64
CA CYS B 12 -21.04 2.39 9.64
C CYS B 12 -20.34 1.86 10.89
N GLY B 13 -19.18 1.20 10.71
CA GLY B 13 -18.22 0.89 11.79
C GLY B 13 -18.54 -0.40 12.54
N LEU B 14 -19.36 -1.28 11.97
CA LEU B 14 -19.60 -2.66 12.49
C LEU B 14 -18.26 -3.34 12.79
N PRO B 15 -18.23 -4.33 13.71
CA PRO B 15 -16.97 -4.96 14.10
C PRO B 15 -16.38 -5.79 12.95
N GLU B 16 -15.07 -6.02 12.99
CA GLU B 16 -14.39 -6.86 11.97
C GLU B 16 -14.46 -8.32 12.39
N ILE B 17 -14.59 -9.22 11.42
CA ILE B 17 -14.49 -10.70 11.60
C ILE B 17 -13.15 -11.14 11.00
N PHE B 18 -12.37 -11.89 11.77
CA PHE B 18 -11.09 -12.50 11.32
C PHE B 18 -11.24 -14.02 11.36
N ASP B 19 -11.47 -14.62 10.19
CA ASP B 19 -11.47 -16.09 10.06
C ASP B 19 -10.13 -16.55 10.64
N PRO B 20 -10.09 -17.54 11.56
CA PRO B 20 -8.80 -18.08 12.01
C PRO B 20 -8.10 -18.83 10.88
N PRO B 21 -6.76 -18.91 10.90
CA PRO B 21 -5.99 -19.36 9.73
C PRO B 21 -6.39 -20.68 9.07
N GLU B 22 -6.71 -21.70 9.87
CA GLU B 22 -7.08 -23.05 9.40
C GLU B 22 -8.33 -22.94 8.53
N GLU B 23 -9.32 -22.16 8.99
CA GLU B 23 -10.61 -21.89 8.29
C GLU B 23 -10.36 -21.01 7.05
N LEU B 24 -9.54 -19.96 7.18
CA LEU B 24 -9.24 -19.03 6.05
C LEU B 24 -8.58 -19.83 4.93
N GLU B 25 -7.54 -20.61 5.26
CA GLU B 25 -6.80 -21.44 4.28
C GLU B 25 -7.77 -22.40 3.58
N ARG B 26 -8.74 -22.95 4.33
CA ARG B 26 -9.72 -23.92 3.77
C ARG B 26 -10.62 -23.19 2.77
N LYS B 27 -11.20 -22.07 3.20
CA LYS B 27 -12.21 -21.28 2.43
C LYS B 27 -11.63 -20.80 1.10
N VAL B 28 -10.35 -20.43 1.06
CA VAL B 28 -9.70 -19.83 -0.15
C VAL B 28 -9.47 -20.96 -1.17
N TRP B 29 -9.15 -22.15 -0.65
CA TRP B 29 -9.07 -23.40 -1.43
C TRP B 29 -10.43 -23.68 -2.07
N GLU B 30 -11.50 -23.54 -1.28
CA GLU B 30 -12.90 -23.68 -1.78
C GLU B 30 -13.20 -22.60 -2.83
N LEU B 31 -12.73 -21.36 -2.63
CA LEU B 31 -12.88 -20.26 -3.62
C LEU B 31 -12.14 -20.65 -4.91
N ALA B 32 -10.89 -21.10 -4.79
CA ALA B 32 -10.10 -21.69 -5.89
C ALA B 32 -10.97 -22.67 -6.68
N ARG B 33 -11.62 -23.61 -5.98
CA ARG B 33 -12.45 -24.71 -6.53
C ARG B 33 -13.57 -24.12 -7.39
N LEU B 34 -14.24 -23.08 -6.88
CA LEU B 34 -15.42 -22.46 -7.53
C LEU B 34 -14.97 -21.73 -8.79
N VAL B 35 -13.83 -21.04 -8.72
CA VAL B 35 -13.23 -20.35 -9.89
C VAL B 35 -13.02 -21.39 -11.01
N TRP B 36 -12.35 -22.51 -10.70
CA TRP B 36 -12.15 -23.64 -11.64
C TRP B 36 -13.49 -24.18 -12.17
N GLN B 37 -14.51 -24.29 -11.32
CA GLN B 37 -15.78 -24.94 -11.70
C GLN B 37 -16.64 -24.00 -12.56
N SER B 38 -16.26 -22.73 -12.68
CA SER B 38 -17.13 -21.65 -13.23
C SER B 38 -16.71 -21.27 -14.66
N SER B 39 -17.69 -21.07 -15.53
CA SER B 39 -17.55 -20.60 -16.94
C SER B 39 -17.46 -19.07 -17.01
N SER B 40 -18.31 -18.37 -16.23
CA SER B 40 -18.43 -16.88 -16.22
C SER B 40 -18.28 -16.36 -14.78
N VAL B 41 -17.08 -15.91 -14.41
CA VAL B 41 -16.78 -15.33 -13.08
C VAL B 41 -16.80 -13.82 -13.19
N VAL B 42 -17.65 -13.16 -12.39
CA VAL B 42 -17.72 -11.68 -12.31
C VAL B 42 -17.28 -11.25 -10.91
N PHE B 43 -16.45 -10.22 -10.86
CA PHE B 43 -15.89 -9.61 -9.63
C PHE B 43 -16.53 -8.25 -9.43
N HIS B 44 -16.98 -8.00 -8.20
CA HIS B 44 -17.60 -6.75 -7.70
C HIS B 44 -16.69 -6.18 -6.64
N THR B 45 -16.12 -4.98 -6.84
CA THR B 45 -15.16 -4.36 -5.89
C THR B 45 -15.71 -3.07 -5.25
N GLY B 46 -15.28 -2.84 -4.01
CA GLY B 46 -15.55 -1.65 -3.21
C GLY B 46 -14.30 -1.26 -2.44
N ALA B 47 -14.43 -0.14 -1.72
CA ALA B 47 -13.31 0.70 -1.23
C ALA B 47 -12.34 -0.12 -0.35
N GLY B 48 -12.79 -1.28 0.12
CA GLY B 48 -11.97 -2.23 0.87
C GLY B 48 -10.73 -2.67 0.11
N ILE B 49 -10.79 -2.79 -1.21
CA ILE B 49 -9.61 -3.25 -2.00
C ILE B 49 -8.59 -2.11 -2.21
N SER B 50 -8.77 -0.90 -1.69
CA SER B 50 -7.81 0.21 -1.88
C SER B 50 -7.26 0.66 -0.53
N THR B 51 -7.75 0.05 0.55
CA THR B 51 -7.37 0.46 1.93
C THR B 51 -5.88 0.18 2.13
N ALA B 52 -5.35 -0.95 1.63
CA ALA B 52 -3.90 -1.29 1.71
C ALA B 52 -3.04 -0.40 0.80
N SER B 53 -3.64 0.53 0.05
CA SER B 53 -2.95 1.55 -0.78
C SER B 53 -3.03 2.95 -0.15
N GLY B 54 -3.54 3.07 1.11
CA GLY B 54 -3.55 4.32 1.90
C GLY B 54 -4.82 5.14 1.70
N ILE B 55 -5.78 4.60 0.91
CA ILE B 55 -7.09 5.25 0.64
C ILE B 55 -8.09 4.66 1.62
N PRO B 56 -8.72 5.44 2.52
CA PRO B 56 -9.66 4.90 3.49
C PRO B 56 -10.95 4.45 2.79
N ASP B 57 -11.67 3.49 3.38
CA ASP B 57 -13.03 3.12 2.92
C ASP B 57 -14.06 4.06 3.55
N PHE B 58 -15.33 3.72 3.44
CA PHE B 58 -16.47 4.54 3.93
C PHE B 58 -16.94 4.04 5.30
N ARG B 59 -17.18 2.73 5.45
CA ARG B 59 -17.96 2.14 6.58
C ARG B 59 -17.08 1.23 7.46
N GLY B 60 -15.78 1.11 7.15
CA GLY B 60 -14.78 0.39 7.96
C GLY B 60 -14.51 1.14 9.27
N PRO B 61 -13.79 0.54 10.24
CA PRO B 61 -13.61 1.16 11.55
C PRO B 61 -13.13 2.61 11.45
N HIS B 62 -12.28 2.94 10.47
CA HIS B 62 -11.69 4.29 10.25
C HIS B 62 -12.11 4.82 8.86
N GLY B 63 -13.26 4.35 8.37
CA GLY B 63 -13.87 4.78 7.10
C GLY B 63 -14.36 6.21 7.13
N VAL B 64 -14.51 6.84 5.95
CA VAL B 64 -14.93 8.25 5.77
C VAL B 64 -16.16 8.54 6.65
N TRP B 65 -17.25 7.78 6.49
CA TRP B 65 -18.53 8.04 7.19
C TRP B 65 -18.33 7.76 8.69
N THR B 66 -17.78 6.60 9.04
CA THR B 66 -17.52 6.16 10.43
C THR B 66 -16.82 7.25 11.24
N MET B 67 -15.83 7.94 10.65
CA MET B 67 -15.02 8.96 11.38
C MET B 67 -15.80 10.27 11.46
N GLU B 68 -16.52 10.64 10.39
CA GLU B 68 -17.56 11.72 10.36
C GLU B 68 -18.53 11.59 11.55
N GLU B 69 -19.16 10.42 11.70
CA GLU B 69 -20.11 10.07 12.79
C GLU B 69 -19.49 10.29 14.17
N ARG B 70 -18.16 10.19 14.31
CA ARG B 70 -17.44 10.43 15.59
C ARG B 70 -16.71 11.78 15.54
N GLY B 71 -17.11 12.66 14.61
CA GLY B 71 -16.54 14.02 14.46
C GLY B 71 -15.07 13.99 14.08
N LEU B 72 -14.58 12.86 13.58
CA LEU B 72 -13.15 12.68 13.19
C LEU B 72 -13.07 12.77 11.67
N ALA B 73 -11.85 12.73 11.11
CA ALA B 73 -11.61 12.81 9.65
C ALA B 73 -11.09 11.46 9.16
N PRO B 74 -11.37 11.06 7.90
CA PRO B 74 -10.72 9.91 7.30
C PRO B 74 -9.26 10.33 7.07
N LYS B 75 -8.33 9.39 7.19
CA LYS B 75 -6.88 9.68 6.99
C LYS B 75 -6.45 9.00 5.67
N PHE B 76 -5.90 9.80 4.74
CA PHE B 76 -5.13 9.36 3.55
C PHE B 76 -3.64 9.19 3.87
N ASP B 77 -3.07 8.05 3.47
CA ASP B 77 -1.60 7.79 3.53
C ASP B 77 -1.00 8.01 2.14
N THR B 78 -1.82 8.38 1.16
CA THR B 78 -1.38 8.73 -0.22
C THR B 78 -2.30 9.78 -0.83
N THR B 79 -1.90 10.42 -1.92
CA THR B 79 -2.79 11.17 -2.84
C THR B 79 -3.41 10.15 -3.81
N PHE B 80 -4.48 10.50 -4.53
CA PHE B 80 -5.07 9.56 -5.52
C PHE B 80 -4.03 9.29 -6.61
N GLU B 81 -3.30 10.36 -6.97
CA GLU B 81 -2.28 10.37 -8.03
C GLU B 81 -1.15 9.38 -7.68
N SER B 82 -0.62 9.44 -6.46
CA SER B 82 0.51 8.57 -6.02
C SER B 82 0.05 7.20 -5.52
N ALA B 83 -1.27 6.94 -5.45
CA ALA B 83 -1.78 5.64 -4.96
C ALA B 83 -1.32 4.54 -5.92
N ARG B 84 -0.85 3.42 -5.37
CA ARG B 84 -0.45 2.27 -6.21
C ARG B 84 -1.56 1.23 -6.11
N PRO B 85 -1.94 0.63 -7.26
CA PRO B 85 -2.79 -0.55 -7.29
C PRO B 85 -2.23 -1.59 -6.31
N THR B 86 -3.11 -2.26 -5.57
CA THR B 86 -2.78 -3.30 -4.59
C THR B 86 -2.54 -4.62 -5.31
N GLN B 87 -2.09 -5.59 -4.53
CA GLN B 87 -1.92 -7.01 -4.91
C GLN B 87 -3.24 -7.54 -5.48
N THR B 88 -4.37 -7.12 -4.91
CA THR B 88 -5.74 -7.49 -5.35
C THR B 88 -6.01 -6.91 -6.74
N HIS B 89 -5.69 -5.64 -6.94
CA HIS B 89 -5.84 -4.91 -8.23
C HIS B 89 -5.10 -5.66 -9.34
N MET B 90 -3.84 -6.00 -9.08
CA MET B 90 -2.96 -6.68 -10.03
C MET B 90 -3.40 -8.14 -10.21
N ALA B 91 -3.91 -8.80 -9.17
CA ALA B 91 -4.48 -10.18 -9.26
C ALA B 91 -5.61 -10.19 -10.30
N LEU B 92 -6.51 -9.22 -10.21
CA LEU B 92 -7.71 -9.07 -11.09
C LEU B 92 -7.27 -8.78 -12.53
N VAL B 93 -6.13 -8.09 -12.69
CA VAL B 93 -5.56 -7.81 -14.05
C VAL B 93 -5.15 -9.15 -14.66
N GLN B 94 -4.46 -10.00 -13.89
CA GLN B 94 -3.98 -11.32 -14.36
C GLN B 94 -5.16 -12.26 -14.62
N LEU B 95 -6.17 -12.26 -13.75
CA LEU B 95 -7.33 -13.18 -13.83
C LEU B 95 -8.07 -12.84 -15.12
N GLU B 96 -8.16 -11.57 -15.47
CA GLU B 96 -8.80 -11.18 -16.75
C GLU B 96 -7.90 -11.60 -17.93
N ARG B 97 -6.58 -11.49 -17.81
CA ARG B 97 -5.67 -11.67 -18.97
C ARG B 97 -5.62 -13.16 -19.33
N VAL B 98 -5.84 -14.04 -18.34
CA VAL B 98 -5.78 -15.52 -18.52
C VAL B 98 -7.19 -16.07 -18.74
N GLY B 99 -8.17 -15.17 -18.92
CA GLY B 99 -9.55 -15.54 -19.29
C GLY B 99 -10.38 -16.10 -18.13
N LEU B 100 -9.96 -15.90 -16.88
CA LEU B 100 -10.63 -16.41 -15.66
C LEU B 100 -11.55 -15.37 -15.01
N LEU B 101 -11.69 -14.19 -15.61
CA LEU B 101 -12.54 -13.07 -15.14
C LEU B 101 -13.31 -12.55 -16.34
N ARG B 102 -14.64 -12.68 -16.34
CA ARG B 102 -15.51 -12.25 -17.46
C ARG B 102 -15.69 -10.73 -17.43
N PHE B 103 -16.01 -10.20 -16.26
CA PHE B 103 -16.36 -8.78 -16.06
C PHE B 103 -16.00 -8.34 -14.63
N LEU B 104 -15.65 -7.07 -14.49
CA LEU B 104 -15.33 -6.47 -13.18
C LEU B 104 -16.29 -5.32 -12.93
N VAL B 105 -17.09 -5.41 -11.86
CA VAL B 105 -18.06 -4.34 -11.46
C VAL B 105 -17.53 -3.63 -10.22
N SER B 106 -17.14 -2.36 -10.33
CA SER B 106 -16.57 -1.59 -9.19
C SER B 106 -17.43 -0.36 -8.86
N GLN B 107 -17.54 -0.08 -7.58
CA GLN B 107 -18.19 1.14 -7.06
C GLN B 107 -17.10 2.16 -6.72
N ASN B 108 -15.84 1.81 -7.01
CA ASN B 108 -14.69 2.68 -6.63
C ASN B 108 -14.51 3.79 -7.64
N VAL B 109 -14.12 4.96 -7.14
CA VAL B 109 -13.89 6.21 -7.91
C VAL B 109 -12.41 6.57 -7.84
N ASP B 110 -11.61 5.78 -7.12
CA ASP B 110 -10.16 6.01 -6.85
C ASP B 110 -9.30 5.89 -8.12
N GLY B 111 -9.91 5.44 -9.21
CA GLY B 111 -9.32 5.26 -10.54
C GLY B 111 -8.30 4.14 -10.64
N LEU B 112 -8.18 3.23 -9.68
CA LEU B 112 -6.99 2.34 -9.57
C LEU B 112 -7.13 1.14 -10.50
N HIS B 113 -8.33 0.62 -10.66
CA HIS B 113 -8.64 -0.41 -11.68
C HIS B 113 -8.05 0.02 -13.02
N VAL B 114 -8.43 1.20 -13.51
CA VAL B 114 -8.04 1.71 -14.86
C VAL B 114 -6.52 1.93 -14.83
N ARG B 115 -5.99 2.51 -13.77
CA ARG B 115 -4.53 2.77 -13.74
C ARG B 115 -3.77 1.45 -13.71
N SER B 116 -4.33 0.38 -13.12
CA SER B 116 -3.70 -0.96 -13.00
C SER B 116 -3.44 -1.57 -14.39
N GLY B 117 -4.12 -1.09 -15.43
CA GLY B 117 -4.01 -1.56 -16.82
C GLY B 117 -5.16 -2.47 -17.18
N PHE B 118 -6.23 -2.43 -16.39
CA PHE B 118 -7.37 -3.39 -16.51
C PHE B 118 -8.19 -2.90 -17.70
N PRO B 119 -8.56 -3.77 -18.67
CA PRO B 119 -9.31 -3.31 -19.83
C PRO B 119 -10.63 -2.63 -19.46
N ARG B 120 -10.78 -1.38 -19.91
CA ARG B 120 -11.99 -0.55 -19.70
C ARG B 120 -13.24 -1.28 -20.24
N ASP B 121 -13.12 -2.03 -21.34
CA ASP B 121 -14.28 -2.71 -21.98
C ASP B 121 -14.69 -3.95 -21.17
N LYS B 122 -14.02 -4.29 -20.07
CA LYS B 122 -14.52 -5.32 -19.11
C LYS B 122 -14.82 -4.72 -17.74
N LEU B 123 -14.76 -3.39 -17.60
CA LEU B 123 -14.99 -2.68 -16.31
C LEU B 123 -16.25 -1.81 -16.36
N ALA B 124 -17.14 -1.97 -15.37
CA ALA B 124 -18.20 -0.99 -15.05
C ALA B 124 -17.78 -0.20 -13.79
N GLU B 125 -17.54 1.11 -13.92
CA GLU B 125 -17.26 2.02 -12.78
C GLU B 125 -18.59 2.70 -12.41
N LEU B 126 -19.36 2.08 -11.53
CA LEU B 126 -20.80 2.42 -11.32
C LEU B 126 -20.95 3.81 -10.72
N HIS B 127 -19.95 4.30 -9.97
CA HIS B 127 -19.99 5.59 -9.25
C HIS B 127 -19.03 6.58 -9.91
N GLY B 128 -18.50 6.21 -11.10
CA GLY B 128 -17.60 7.03 -11.93
C GLY B 128 -16.16 6.95 -11.44
N ASN B 129 -15.30 7.84 -11.94
CA ASN B 129 -13.81 7.73 -11.87
C ASN B 129 -13.28 9.15 -11.75
N MET B 130 -12.49 9.43 -10.71
CA MET B 130 -12.02 10.80 -10.35
C MET B 130 -11.03 11.34 -11.40
N PHE B 131 -10.41 10.44 -12.16
CA PHE B 131 -9.47 10.78 -13.25
C PHE B 131 -10.21 10.94 -14.59
N VAL B 132 -11.49 10.61 -14.67
CA VAL B 132 -12.23 10.63 -15.97
C VAL B 132 -13.15 11.85 -16.04
N GLU B 133 -13.05 12.60 -17.14
CA GLU B 133 -14.06 13.64 -17.50
C GLU B 133 -14.73 13.24 -18.82
N GLU B 134 -16.02 13.54 -18.93
CA GLU B 134 -16.89 13.15 -20.07
C GLU B 134 -17.36 14.42 -20.78
N CYS B 135 -17.28 14.43 -22.12
CA CYS B 135 -17.88 15.49 -22.97
C CYS B 135 -19.41 15.33 -22.90
N ALA B 136 -20.10 16.33 -22.36
CA ALA B 136 -21.59 16.37 -22.31
C ALA B 136 -22.15 16.24 -23.75
N LYS B 137 -21.50 16.90 -24.72
CA LYS B 137 -21.95 16.89 -26.14
C LYS B 137 -21.82 15.48 -26.71
N CYS B 138 -20.59 14.97 -26.89
CA CYS B 138 -20.34 13.73 -27.69
C CYS B 138 -20.04 12.52 -26.79
N LYS B 139 -20.10 12.68 -25.46
CA LYS B 139 -19.93 11.58 -24.46
C LYS B 139 -18.51 10.98 -24.56
N THR B 140 -17.56 11.69 -25.18
CA THR B 140 -16.15 11.25 -25.29
C THR B 140 -15.48 11.40 -23.92
N GLN B 141 -15.00 10.28 -23.37
CA GLN B 141 -14.31 10.24 -22.05
C GLN B 141 -12.81 10.45 -22.25
N TYR B 142 -12.21 11.26 -21.40
CA TYR B 142 -10.74 11.42 -21.26
C TYR B 142 -10.32 10.84 -19.92
N VAL B 143 -9.31 9.96 -19.91
CA VAL B 143 -8.67 9.43 -18.68
C VAL B 143 -7.43 10.28 -18.40
N ARG B 144 -7.45 11.05 -17.31
CA ARG B 144 -6.42 12.08 -17.03
C ARG B 144 -5.36 11.50 -16.08
N ASP B 145 -4.17 12.09 -16.05
CA ASP B 145 -3.03 11.68 -15.19
C ASP B 145 -3.23 12.23 -13.78
N THR B 146 -4.03 13.30 -13.65
CA THR B 146 -4.40 13.95 -12.37
C THR B 146 -5.90 13.86 -12.20
N VAL B 147 -6.38 13.96 -10.95
CA VAL B 147 -7.85 13.92 -10.66
C VAL B 147 -8.47 15.17 -11.27
N VAL B 148 -9.60 14.96 -11.94
CA VAL B 148 -10.47 16.06 -12.43
C VAL B 148 -10.94 16.83 -11.19
N GLY B 149 -10.89 18.17 -11.25
CA GLY B 149 -10.96 19.06 -10.06
C GLY B 149 -12.32 19.07 -9.36
N THR B 150 -13.39 18.64 -10.03
CA THR B 150 -14.79 18.73 -9.54
C THR B 150 -15.32 17.34 -9.14
N MET B 151 -16.49 17.31 -8.51
CA MET B 151 -17.34 16.10 -8.31
C MET B 151 -18.80 16.50 -8.58
N GLY B 152 -19.71 15.53 -8.71
CA GLY B 152 -21.16 15.78 -8.86
C GLY B 152 -21.56 16.22 -10.27
N LEU B 153 -20.86 15.71 -11.29
CA LEU B 153 -21.14 15.86 -12.75
C LEU B 153 -21.11 17.34 -13.16
N LYS B 154 -20.16 18.11 -12.61
CA LYS B 154 -19.98 19.57 -12.87
C LYS B 154 -18.93 19.83 -13.96
N ALA B 155 -18.97 21.03 -14.55
CA ALA B 155 -18.00 21.53 -15.55
C ALA B 155 -16.62 21.63 -14.90
N THR B 156 -15.61 21.07 -15.56
CA THR B 156 -14.22 20.92 -15.02
C THR B 156 -13.39 22.14 -15.44
N GLY B 157 -13.83 22.83 -16.49
CA GLY B 157 -13.18 24.06 -17.01
C GLY B 157 -12.41 23.78 -18.28
N ARG B 158 -12.38 22.51 -18.71
CA ARG B 158 -11.74 22.07 -19.98
C ARG B 158 -12.85 21.80 -20.99
N LEU B 159 -12.49 21.86 -22.28
CA LEU B 159 -13.42 21.66 -23.43
C LEU B 159 -12.99 20.43 -24.21
N CYS B 160 -13.90 19.87 -25.01
CA CYS B 160 -13.65 18.64 -25.82
C CYS B 160 -12.74 19.01 -27.00
N THR B 161 -12.01 18.01 -27.52
CA THR B 161 -10.94 18.17 -28.55
C THR B 161 -11.05 17.07 -29.61
N VAL B 162 -12.24 16.51 -29.82
CA VAL B 162 -12.48 15.47 -30.88
C VAL B 162 -12.51 16.18 -32.24
N ALA B 163 -11.93 15.54 -33.26
CA ALA B 163 -11.62 16.11 -34.60
C ALA B 163 -12.83 16.86 -35.16
N CYS B 171 -15.15 19.78 -31.57
CA CYS B 171 -16.45 19.65 -30.85
C CYS B 171 -16.60 20.76 -29.81
N ARG B 172 -15.49 21.13 -29.14
CA ARG B 172 -15.39 22.26 -28.19
C ARG B 172 -16.50 22.12 -27.13
N GLY B 173 -16.87 20.88 -26.81
CA GLY B 173 -17.94 20.57 -25.84
C GLY B 173 -17.49 20.82 -24.41
N GLU B 174 -18.44 21.04 -23.50
CA GLU B 174 -18.20 21.17 -22.04
C GLU B 174 -17.77 19.81 -21.49
N LEU B 175 -16.59 19.73 -20.86
CA LEU B 175 -16.12 18.53 -20.13
C LEU B 175 -16.59 18.60 -18.68
N ARG B 176 -17.11 17.48 -18.17
CA ARG B 176 -17.63 17.34 -16.78
C ARG B 176 -17.01 16.10 -16.11
N ASP B 177 -16.77 16.16 -14.80
CA ASP B 177 -16.36 14.98 -13.99
C ASP B 177 -17.43 13.90 -14.15
N THR B 178 -17.11 12.66 -13.76
CA THR B 178 -18.02 11.49 -13.82
C THR B 178 -18.43 11.05 -12.41
N ILE B 179 -18.14 11.87 -11.39
CA ILE B 179 -18.36 11.46 -9.97
C ILE B 179 -19.81 11.77 -9.59
N LEU B 180 -20.62 10.71 -9.41
CA LEU B 180 -22.05 10.77 -9.02
C LEU B 180 -22.16 11.45 -7.65
N ASP B 181 -23.12 12.38 -7.53
CA ASP B 181 -23.63 12.88 -6.22
C ASP B 181 -24.71 11.89 -5.75
N TRP B 182 -25.16 12.01 -4.50
CA TRP B 182 -26.17 11.11 -3.88
C TRP B 182 -27.40 10.98 -4.80
N GLU B 183 -27.97 12.11 -5.24
CA GLU B 183 -29.22 12.17 -6.04
C GLU B 183 -29.02 11.53 -7.43
N ASP B 184 -27.79 11.59 -7.98
CA ASP B 184 -27.47 11.21 -9.38
C ASP B 184 -27.63 9.69 -9.57
N SER B 185 -28.23 9.28 -10.69
CA SER B 185 -28.39 7.85 -11.07
C SER B 185 -27.18 7.41 -11.90
N LEU B 186 -26.94 6.10 -11.92
CA LEU B 186 -25.73 5.43 -12.45
C LEU B 186 -25.68 5.59 -13.96
N PRO B 187 -24.47 5.57 -14.58
CA PRO B 187 -24.36 5.50 -16.03
C PRO B 187 -25.04 4.20 -16.52
N ASP B 188 -25.93 4.33 -17.51
CA ASP B 188 -26.78 3.22 -18.02
C ASP B 188 -25.91 2.18 -18.76
N ARG B 189 -24.94 2.64 -19.54
CA ARG B 189 -24.00 1.76 -20.29
C ARG B 189 -23.32 0.81 -19.30
N ASP B 190 -22.69 1.38 -18.27
CA ASP B 190 -21.90 0.63 -17.25
C ASP B 190 -22.84 -0.26 -16.43
N LEU B 191 -24.01 0.25 -16.04
CA LEU B 191 -25.00 -0.50 -15.20
C LEU B 191 -25.61 -1.64 -16.01
N ALA B 192 -25.96 -1.40 -17.28
CA ALA B 192 -26.60 -2.41 -18.14
C ALA B 192 -25.62 -3.57 -18.37
N LEU B 193 -24.34 -3.27 -18.58
CA LEU B 193 -23.28 -4.30 -18.81
C LEU B 193 -22.96 -4.99 -17.48
N ALA B 194 -22.90 -4.20 -16.40
CA ALA B 194 -22.74 -4.73 -15.01
C ALA B 194 -23.88 -5.72 -14.74
N ASP B 195 -25.12 -5.28 -14.95
CA ASP B 195 -26.36 -6.07 -14.73
C ASP B 195 -26.29 -7.34 -15.58
N GLU B 196 -25.93 -7.20 -16.85
CA GLU B 196 -25.85 -8.30 -17.86
C GLU B 196 -24.86 -9.36 -17.38
N ALA B 197 -23.61 -8.96 -17.12
CA ALA B 197 -22.53 -9.84 -16.62
C ALA B 197 -22.97 -10.54 -15.33
N SER B 198 -23.66 -9.80 -14.45
CA SER B 198 -24.10 -10.24 -13.11
C SER B 198 -25.18 -11.33 -13.22
N ARG B 199 -26.14 -11.16 -14.14
CA ARG B 199 -27.22 -12.16 -14.41
C ARG B 199 -26.60 -13.40 -15.07
N ASN B 200 -25.71 -13.20 -16.04
CA ASN B 200 -25.11 -14.28 -16.86
C ASN B 200 -24.09 -15.08 -16.03
N ALA B 201 -23.39 -14.45 -15.10
CA ALA B 201 -22.36 -15.08 -14.24
C ALA B 201 -22.86 -16.40 -13.66
N ASP B 202 -21.97 -17.37 -13.40
CA ASP B 202 -22.25 -18.56 -12.57
C ASP B 202 -21.43 -18.47 -11.26
N LEU B 203 -20.56 -17.46 -11.16
CA LEU B 203 -19.84 -17.08 -9.92
C LEU B 203 -19.65 -15.56 -9.88
N SER B 204 -20.27 -14.91 -8.89
CA SER B 204 -20.00 -13.51 -8.49
C SER B 204 -19.17 -13.55 -7.22
N ILE B 205 -18.03 -12.84 -7.23
CA ILE B 205 -17.13 -12.72 -6.05
C ILE B 205 -17.11 -11.24 -5.70
N THR B 206 -17.46 -10.89 -4.47
CA THR B 206 -17.38 -9.48 -3.99
C THR B 206 -16.14 -9.39 -3.12
N LEU B 207 -15.40 -8.28 -3.25
CA LEU B 207 -14.12 -7.99 -2.58
C LEU B 207 -14.18 -6.60 -1.94
N GLY B 208 -14.06 -6.51 -0.62
CA GLY B 208 -13.91 -5.20 0.04
C GLY B 208 -15.07 -4.24 -0.26
N THR B 209 -16.30 -4.76 -0.42
CA THR B 209 -17.55 -3.95 -0.42
C THR B 209 -18.49 -4.47 0.68
N SER B 210 -19.30 -3.57 1.28
CA SER B 210 -20.30 -3.93 2.30
C SER B 210 -21.70 -4.09 1.66
N LEU B 211 -21.84 -3.84 0.36
CA LEU B 211 -23.02 -4.20 -0.49
C LEU B 211 -24.29 -3.49 0.03
N GLN B 212 -24.15 -2.24 0.51
CA GLN B 212 -25.24 -1.48 1.16
C GLN B 212 -25.88 -0.47 0.20
N ILE B 213 -25.32 -0.31 -1.01
CA ILE B 213 -25.75 0.75 -1.97
C ILE B 213 -26.52 0.09 -3.12
N ARG B 214 -27.78 0.49 -3.29
CA ARG B 214 -28.69 0.10 -4.41
C ARG B 214 -28.29 0.96 -5.61
N PRO B 215 -28.16 0.42 -6.84
CA PRO B 215 -28.26 -1.01 -7.12
C PRO B 215 -26.95 -1.83 -7.11
N SER B 216 -25.80 -1.17 -6.99
CA SER B 216 -24.43 -1.77 -7.01
C SER B 216 -24.36 -2.97 -6.06
N GLY B 217 -24.78 -2.76 -4.81
CA GLY B 217 -24.77 -3.76 -3.73
C GLY B 217 -25.63 -4.97 -4.04
N ASN B 218 -26.60 -4.83 -4.95
CA ASN B 218 -27.61 -5.88 -5.25
C ASN B 218 -27.22 -6.75 -6.46
N LEU B 219 -26.26 -6.30 -7.28
CA LEU B 219 -25.85 -6.99 -8.53
C LEU B 219 -25.35 -8.39 -8.24
N PRO B 220 -24.46 -8.60 -7.24
CA PRO B 220 -24.04 -9.96 -6.90
C PRO B 220 -25.21 -10.95 -6.74
N LEU B 221 -26.37 -10.49 -6.24
CA LEU B 221 -27.55 -11.36 -5.93
C LEU B 221 -28.23 -11.83 -7.21
N ALA B 222 -28.13 -11.09 -8.32
CA ALA B 222 -28.67 -11.54 -9.64
C ALA B 222 -27.99 -12.85 -10.06
N THR B 223 -26.72 -13.06 -9.69
CA THR B 223 -25.96 -14.29 -10.02
C THR B 223 -26.65 -15.49 -9.35
N LYS B 224 -27.25 -15.28 -8.18
CA LYS B 224 -27.95 -16.33 -7.37
C LYS B 224 -29.13 -16.90 -8.17
N ARG B 225 -29.98 -16.03 -8.73
CA ARG B 225 -31.07 -16.42 -9.67
C ARG B 225 -30.43 -17.11 -10.89
N ARG B 226 -30.95 -18.27 -11.29
CA ARG B 226 -30.42 -19.15 -12.37
C ARG B 226 -29.29 -20.02 -11.81
N GLY B 227 -29.04 -19.97 -10.49
CA GLY B 227 -28.30 -21.02 -9.75
C GLY B 227 -26.80 -20.75 -9.70
N GLY B 228 -26.39 -19.52 -9.96
CA GLY B 228 -24.97 -19.10 -9.82
C GLY B 228 -24.57 -19.04 -8.36
N ARG B 229 -23.28 -19.19 -8.07
CA ARG B 229 -22.74 -19.11 -6.68
C ARG B 229 -22.36 -17.66 -6.38
N LEU B 230 -22.31 -17.33 -5.09
CA LEU B 230 -21.95 -16.01 -4.54
C LEU B 230 -20.85 -16.20 -3.48
N VAL B 231 -19.71 -15.54 -3.68
CA VAL B 231 -18.62 -15.45 -2.67
C VAL B 231 -18.50 -13.97 -2.27
N ILE B 232 -18.56 -13.71 -0.96
CA ILE B 232 -18.36 -12.37 -0.34
C ILE B 232 -17.05 -12.45 0.45
N VAL B 233 -16.07 -11.61 0.09
CA VAL B 233 -14.80 -11.46 0.85
C VAL B 233 -14.82 -10.07 1.50
N ASN B 234 -14.79 -10.03 2.82
CA ASN B 234 -14.95 -8.75 3.55
C ASN B 234 -14.59 -8.98 5.00
N LEU B 235 -13.99 -7.96 5.61
CA LEU B 235 -13.65 -8.00 7.05
C LEU B 235 -14.92 -7.83 7.89
N GLN B 236 -15.88 -7.03 7.43
CA GLN B 236 -17.14 -6.73 8.16
C GLN B 236 -18.31 -7.49 7.57
N PRO B 237 -19.42 -7.65 8.32
CA PRO B 237 -20.67 -8.10 7.74
C PRO B 237 -21.06 -7.25 6.52
N THR B 238 -21.93 -7.80 5.69
CA THR B 238 -22.45 -7.17 4.46
C THR B 238 -23.96 -7.41 4.41
N LYS B 239 -24.70 -6.47 3.82
CA LYS B 239 -26.18 -6.57 3.71
C LYS B 239 -26.59 -8.01 3.36
N HIS B 240 -25.85 -8.69 2.47
CA HIS B 240 -26.28 -9.96 1.83
C HIS B 240 -25.48 -11.19 2.30
N ASP B 241 -24.78 -11.12 3.44
CA ASP B 241 -24.05 -12.29 3.99
C ASP B 241 -24.90 -13.57 3.88
N ARG B 242 -26.22 -13.44 4.05
CA ARG B 242 -27.23 -14.54 4.04
C ARG B 242 -27.24 -15.29 2.71
N HIS B 243 -27.18 -14.59 1.57
CA HIS B 243 -27.39 -15.17 0.21
C HIS B 243 -26.07 -15.72 -0.37
N ALA B 244 -25.00 -15.74 0.42
CA ALA B 244 -23.63 -16.14 -0.01
C ALA B 244 -23.42 -17.64 0.22
N ASP B 245 -22.84 -18.34 -0.76
CA ASP B 245 -22.44 -19.77 -0.60
C ASP B 245 -21.08 -19.84 0.10
N LEU B 246 -20.37 -18.71 0.21
CA LEU B 246 -19.05 -18.61 0.87
C LEU B 246 -18.79 -17.17 1.32
N ARG B 247 -18.46 -17.00 2.60
CA ARG B 247 -18.04 -15.72 3.22
C ARG B 247 -16.60 -15.91 3.67
N ILE B 248 -15.69 -15.00 3.27
CA ILE B 248 -14.27 -15.06 3.74
C ILE B 248 -13.94 -13.75 4.44
N HIS B 249 -13.75 -13.81 5.74
CA HIS B 249 -13.39 -12.66 6.61
C HIS B 249 -11.87 -12.67 6.72
N GLY B 250 -11.24 -11.87 5.87
CA GLY B 250 -9.77 -11.75 5.75
C GLY B 250 -9.41 -10.52 4.93
N TYR B 251 -8.17 -10.05 5.08
CA TYR B 251 -7.59 -9.01 4.22
C TYR B 251 -7.64 -9.55 2.79
N VAL B 252 -8.21 -8.76 1.90
CA VAL B 252 -8.54 -9.24 0.53
C VAL B 252 -7.23 -9.51 -0.23
N ASP B 253 -6.11 -8.94 0.19
CA ASP B 253 -4.81 -9.16 -0.48
C ASP B 253 -4.28 -10.55 -0.13
N GLU B 254 -4.41 -10.99 1.12
CA GLU B 254 -3.99 -12.34 1.56
C GLU B 254 -4.83 -13.38 0.82
N VAL B 255 -6.14 -13.12 0.73
CA VAL B 255 -7.10 -14.03 0.06
C VAL B 255 -6.68 -14.14 -1.40
N MET B 256 -6.45 -13.02 -2.05
CA MET B 256 -6.16 -13.00 -3.52
C MET B 256 -4.77 -13.56 -3.81
N THR B 257 -3.76 -13.26 -2.98
CA THR B 257 -2.42 -13.86 -3.20
C THR B 257 -2.46 -15.37 -2.93
N ARG B 258 -3.18 -15.82 -1.91
CA ARG B 258 -3.39 -17.26 -1.68
C ARG B 258 -4.17 -17.82 -2.88
N LEU B 259 -5.25 -17.17 -3.28
CA LEU B 259 -6.07 -17.71 -4.39
C LEU B 259 -5.19 -17.87 -5.64
N MET B 260 -4.51 -16.80 -6.05
CA MET B 260 -3.62 -16.78 -7.25
C MET B 260 -2.58 -17.91 -7.13
N LYS B 261 -2.03 -18.12 -5.94
CA LYS B 261 -1.05 -19.20 -5.67
C LYS B 261 -1.71 -20.55 -5.99
N HIS B 262 -2.95 -20.75 -5.55
CA HIS B 262 -3.74 -22.00 -5.77
C HIS B 262 -4.01 -22.19 -7.26
N LEU B 263 -4.22 -21.08 -7.98
CA LEU B 263 -4.60 -21.15 -9.41
C LEU B 263 -3.34 -21.28 -10.28
N GLY B 264 -2.13 -21.21 -9.70
CA GLY B 264 -0.85 -21.31 -10.43
C GLY B 264 -0.51 -20.02 -11.16
N LEU B 265 -1.12 -18.88 -10.77
CA LEU B 265 -0.97 -17.55 -11.44
C LEU B 265 -0.05 -16.64 -10.63
N GLU B 266 0.88 -15.99 -11.33
CA GLU B 266 1.72 -14.90 -10.75
C GLU B 266 0.88 -13.62 -10.69
N ILE B 267 1.17 -12.74 -9.73
CA ILE B 267 0.60 -11.37 -9.69
C ILE B 267 1.60 -10.49 -10.41
N PRO B 268 1.19 -9.91 -11.55
CA PRO B 268 2.11 -9.16 -12.41
C PRO B 268 2.49 -7.79 -11.80
N ALA B 269 3.64 -7.33 -12.25
CA ALA B 269 4.28 -6.03 -11.90
C ALA B 269 3.43 -4.89 -12.47
N TRP B 270 3.37 -3.80 -11.72
CA TRP B 270 2.67 -2.56 -12.14
C TRP B 270 3.69 -1.60 -12.74
N ASP B 271 3.57 -1.37 -14.05
CA ASP B 271 4.52 -0.53 -14.86
C ASP B 271 4.32 0.94 -14.49
N GLY B 272 3.33 1.25 -13.65
CA GLY B 272 2.91 2.62 -13.34
C GLY B 272 1.63 2.92 -14.11
N PRO B 273 1.05 4.13 -14.01
CA PRO B 273 -0.27 4.39 -14.59
C PRO B 273 -0.31 4.03 -16.07
N ARG B 274 -1.17 3.08 -16.46
CA ARG B 274 -1.46 2.84 -17.91
C ARG B 274 -2.96 2.71 -18.11
N VAL B 275 -3.42 3.01 -19.32
CA VAL B 275 -4.86 2.86 -19.75
C VAL B 275 -4.87 1.88 -20.91
N LEU B 276 -5.62 0.79 -20.77
CA LEU B 276 -5.98 -0.19 -21.81
C LEU B 276 -7.48 -0.08 -22.08
N GLU B 277 -7.89 0.32 -23.28
CA GLU B 277 -9.32 0.51 -23.63
C GLU B 277 -9.98 -0.86 -23.80
N ARG B 278 -9.29 -1.81 -24.43
CA ARG B 278 -9.91 -3.06 -24.93
C ARG B 278 -9.10 -4.28 -24.48
N ALA B 279 -9.81 -5.25 -23.90
CA ALA B 279 -9.31 -6.59 -23.55
C ALA B 279 -8.64 -7.20 -24.78
N LEU B 280 -7.49 -7.80 -24.56
CA LEU B 280 -6.76 -8.65 -25.54
C LEU B 280 -7.28 -10.08 -25.38
N PRO B 281 -7.05 -10.98 -26.38
CA PRO B 281 -7.48 -12.37 -26.25
C PRO B 281 -6.73 -13.00 -25.11
N PRO B 282 -7.29 -14.02 -24.42
CA PRO B 282 -6.66 -14.63 -23.26
C PRO B 282 -5.21 -15.15 -23.47
N LEU B 283 -4.35 -14.91 -22.48
CA LEU B 283 -3.01 -15.55 -22.44
C LEU B 283 -3.18 -17.00 -22.00
N PRO B 284 -2.18 -17.86 -22.22
CA PRO B 284 -2.23 -19.22 -21.71
C PRO B 284 -2.61 -19.21 -20.21
N ARG B 285 -3.26 -20.27 -19.71
CA ARG B 285 -3.42 -20.47 -18.25
C ARG B 285 -3.08 -21.93 -17.91
N PRO B 286 -2.75 -22.23 -16.64
CA PRO B 286 -2.47 -23.62 -16.24
C PRO B 286 -3.65 -24.54 -16.50
N PRO B 287 -3.41 -25.85 -16.70
CA PRO B 287 -4.50 -26.80 -16.80
C PRO B 287 -5.20 -26.94 -15.44
N THR B 288 -6.48 -27.32 -15.47
CA THR B 288 -7.38 -27.37 -14.29
C THR B 288 -7.06 -28.63 -13.49
N PRO B 289 -7.11 -28.59 -12.14
CA PRO B 289 -7.10 -29.82 -11.34
C PRO B 289 -8.40 -30.61 -11.51
N LYS B 290 -8.31 -31.92 -11.22
CA LYS B 290 -9.47 -32.85 -11.04
C LYS B 290 -10.18 -32.47 -9.74
N LEU B 291 -11.46 -32.12 -9.81
CA LEU B 291 -12.24 -31.59 -8.67
C LEU B 291 -13.06 -32.70 -8.01
N GLU B 292 -13.97 -33.36 -8.75
CA GLU B 292 -14.79 -34.49 -8.22
C GLU B 292 -14.23 -35.82 -8.75
#